data_2LAC
#
_entry.id   2LAC
#
_entity_poly.entity_id   1
_entity_poly.type   'polyribonucleotide'
_entity_poly.pdbx_seq_one_letter_code
;GGGGACUGUAAAUCCCC
;
_entity_poly.pdbx_strand_id   A
#